data_9F4Q
#
_entry.id   9F4Q
#
_cell.length_a   37.930
_cell.length_b   43.934
_cell.length_c   55.973
_cell.angle_alpha   90.000
_cell.angle_beta   94.070
_cell.angle_gamma   90.000
#
_symmetry.space_group_name_H-M   'P 1 21 1'
#
loop_
_entity.id
_entity.type
_entity.pdbx_description
1 polymer 'Heterogeneous nuclear ribonucleoprotein A1, N-terminally processed'
2 non-polymer 5-(2-phenylethylamino)-1H-pyrimidine-2,4-dione
3 water water
#
_entity_poly.entity_id   1
_entity_poly.type   'polypeptide(L)'
_entity_poly.pdbx_seq_one_letter_code
;GPMGSKSESPKEPEQLRKLFIGGLSFETTDESLRSHFEQWGTLTDCVVMRDPNTKRSRGFGFVTYATVEEVDAAMNARPH
KVDGRVVEPKRAVSREDSQRPGAHLTVKKIFVGGIKEDTEEHHLRDYFEQYGKIEVIEIMTDRGSGKKRGFAFVTFDDHD
SVDKIVIQKYHTVNGHNCEVRKALSKQEMASASSSQRG
;
_entity_poly.pdbx_strand_id   A
#
# COMPACT_ATOMS: atom_id res chain seq x y z
N PRO A 10 -9.52 -15.26 13.39
CA PRO A 10 -8.67 -16.17 12.62
C PRO A 10 -7.71 -15.41 11.68
N LYS A 11 -7.06 -16.13 10.77
CA LYS A 11 -5.98 -15.54 9.97
C LYS A 11 -6.51 -14.66 8.84
N GLU A 12 -5.87 -13.51 8.66
CA GLU A 12 -6.19 -12.64 7.54
C GLU A 12 -5.94 -13.40 6.24
N PRO A 13 -6.69 -13.09 5.18
CA PRO A 13 -6.44 -13.74 3.88
C PRO A 13 -4.98 -13.59 3.44
N GLU A 14 -4.44 -14.69 2.93
CA GLU A 14 -3.04 -14.72 2.49
C GLU A 14 -2.71 -13.61 1.50
N GLN A 15 -3.63 -13.29 0.60
CA GLN A 15 -3.36 -12.25 -0.40
C GLN A 15 -3.00 -10.93 0.26
N LEU A 16 -3.57 -10.65 1.43
CA LEU A 16 -3.34 -9.39 2.13
C LEU A 16 -2.08 -9.42 2.98
N ARG A 17 -1.40 -10.57 3.02
CA ARG A 17 -0.17 -10.73 3.84
C ARG A 17 1.07 -10.86 2.95
N LYS A 18 0.88 -10.65 1.65
CA LYS A 18 1.99 -10.88 0.69
C LYS A 18 2.60 -9.57 0.22
N LEU A 19 3.91 -9.59 0.06
CA LEU A 19 4.57 -8.43 -0.57
C LEU A 19 5.30 -8.91 -1.81
N PHE A 20 5.02 -8.27 -2.93
CA PHE A 20 5.83 -8.46 -4.12
C PHE A 20 7.08 -7.61 -3.90
N ILE A 21 8.25 -8.17 -4.18
CA ILE A 21 9.52 -7.46 -4.00
C ILE A 21 10.14 -7.38 -5.40
N GLY A 22 10.08 -6.19 -6.01
CA GLY A 22 10.72 -5.97 -7.30
C GLY A 22 12.13 -5.41 -7.16
N GLY A 23 12.85 -5.46 -8.28
CA GLY A 23 14.18 -4.90 -8.33
C GLY A 23 15.24 -5.67 -7.57
N LEU A 24 15.07 -6.97 -7.41
CA LEU A 24 16.05 -7.76 -6.68
C LEU A 24 17.37 -7.80 -7.40
N SER A 25 18.45 -7.86 -6.61
CA SER A 25 19.71 -8.35 -7.16
C SER A 25 19.51 -9.76 -7.68
N PHE A 26 20.09 -10.04 -8.85
CA PHE A 26 20.02 -11.40 -9.40
C PHE A 26 20.71 -12.40 -8.49
N GLU A 27 21.52 -11.94 -7.53
CA GLU A 27 22.17 -12.86 -6.60
C GLU A 27 21.34 -13.15 -5.35
N THR A 28 20.19 -12.50 -5.18
CA THR A 28 19.32 -12.79 -4.06
C THR A 28 18.68 -14.15 -4.23
N THR A 29 18.64 -14.93 -3.16
CA THR A 29 18.09 -16.28 -3.14
C THR A 29 16.89 -16.31 -2.20
N ASP A 30 16.14 -17.41 -2.23
CA ASP A 30 15.05 -17.57 -1.26
C ASP A 30 15.59 -17.34 0.14
N GLU A 31 16.76 -17.89 0.42
CA GLU A 31 17.30 -17.82 1.78
C GLU A 31 17.71 -16.40 2.14
N SER A 32 18.36 -15.68 1.22
CA SER A 32 18.77 -14.32 1.58
C SER A 32 17.59 -13.36 1.62
N LEU A 33 16.59 -13.56 0.76
CA LEU A 33 15.38 -12.74 0.84
C LEU A 33 14.66 -12.99 2.16
N ARG A 34 14.58 -14.25 2.58
CA ARG A 34 13.97 -14.59 3.86
C ARG A 34 14.74 -13.98 5.02
N SER A 35 16.07 -14.16 5.02
CA SER A 35 16.85 -13.63 6.14
C SER A 35 16.64 -12.13 6.27
N HIS A 36 16.54 -11.41 5.15
CA HIS A 36 16.30 -9.98 5.22
C HIS A 36 14.91 -9.68 5.81
N PHE A 37 13.86 -10.21 5.18
CA PHE A 37 12.51 -9.80 5.54
C PHE A 37 12.01 -10.41 6.85
N GLU A 38 12.66 -11.46 7.35
CA GLU A 38 12.29 -11.98 8.67
C GLU A 38 12.58 -10.99 9.78
N GLN A 39 13.33 -9.93 9.53
CA GLN A 39 13.53 -8.93 10.57
C GLN A 39 12.24 -8.25 10.98
N TRP A 40 11.20 -8.25 10.13
CA TRP A 40 9.97 -7.54 10.41
C TRP A 40 8.78 -8.43 10.67
N GLY A 41 8.96 -9.74 10.70
CA GLY A 41 7.86 -10.62 11.04
C GLY A 41 8.14 -12.04 10.63
N THR A 42 7.25 -12.92 11.06
CA THR A 42 7.30 -14.33 10.69
C THR A 42 6.90 -14.49 9.24
N LEU A 43 7.75 -15.14 8.44
CA LEU A 43 7.46 -15.39 7.03
C LEU A 43 6.95 -16.82 6.86
N THR A 44 5.73 -16.94 6.34
CA THR A 44 5.18 -18.24 6.01
C THR A 44 5.56 -18.69 4.60
N ASP A 45 6.09 -17.79 3.78
CA ASP A 45 6.53 -18.12 2.43
C ASP A 45 7.52 -17.06 1.97
N CYS A 46 8.44 -17.47 1.11
CA CYS A 46 9.45 -16.55 0.57
C CYS A 46 10.07 -17.19 -0.65
N VAL A 47 9.92 -16.56 -1.82
N VAL A 47 9.91 -16.56 -1.82
CA VAL A 47 10.36 -17.18 -3.06
CA VAL A 47 10.28 -17.14 -3.10
C VAL A 47 10.92 -16.11 -3.98
C VAL A 47 10.94 -16.08 -3.97
N VAL A 48 11.99 -16.38 -4.55
CA VAL A 48 12.63 -15.66 -5.68
C VAL A 48 12.17 -16.28 -7.00
N MET A 49 11.61 -15.47 -7.86
CA MET A 49 11.18 -15.98 -9.18
C MET A 49 12.40 -16.19 -10.09
N ARG A 50 12.44 -17.36 -10.71
CA ARG A 50 13.59 -17.70 -11.57
C ARG A 50 13.10 -18.26 -12.91
N ASP A 51 13.99 -18.19 -13.90
CA ASP A 51 13.68 -18.83 -15.16
C ASP A 51 13.63 -20.35 -14.98
N PRO A 52 12.64 -21.02 -15.59
CA PRO A 52 12.53 -22.48 -15.40
C PRO A 52 13.64 -23.27 -16.03
N ASN A 53 14.33 -22.73 -17.02
CA ASN A 53 15.43 -23.48 -17.70
C ASN A 53 16.81 -23.06 -17.19
N THR A 54 17.08 -21.77 -17.05
CA THR A 54 18.44 -21.30 -16.68
C THR A 54 18.60 -21.16 -15.19
N LYS A 55 17.51 -21.08 -14.45
CA LYS A 55 17.53 -20.83 -12.97
C LYS A 55 18.02 -19.40 -12.66
N ARG A 56 18.22 -18.60 -13.71
CA ARG A 56 18.63 -17.21 -13.48
C ARG A 56 17.45 -16.43 -12.92
N SER A 57 17.72 -15.64 -11.89
CA SER A 57 16.68 -14.82 -11.27
C SER A 57 15.98 -13.94 -12.29
N ARG A 58 14.68 -13.81 -12.12
CA ARG A 58 13.86 -12.86 -12.87
C ARG A 58 13.86 -11.47 -12.21
N GLY A 59 14.58 -11.30 -11.10
CA GLY A 59 14.71 -9.99 -10.49
C GLY A 59 13.54 -9.57 -9.62
N PHE A 60 12.65 -10.49 -9.28
CA PHE A 60 11.58 -10.20 -8.35
C PHE A 60 11.22 -11.46 -7.59
N GLY A 61 10.50 -11.27 -6.50
CA GLY A 61 10.05 -12.37 -5.69
C GLY A 61 8.89 -11.93 -4.82
N PHE A 62 8.54 -12.80 -3.87
N PHE A 62 8.53 -12.78 -3.87
CA PHE A 62 7.42 -12.53 -2.98
CA PHE A 62 7.46 -12.43 -2.96
C PHE A 62 7.78 -13.01 -1.59
C PHE A 62 7.70 -13.04 -1.59
N VAL A 63 7.25 -12.32 -0.57
CA VAL A 63 7.31 -12.82 0.79
C VAL A 63 5.89 -12.75 1.35
N THR A 64 5.57 -13.70 2.20
CA THR A 64 4.25 -13.74 2.85
C THR A 64 4.47 -13.76 4.36
N TYR A 65 3.91 -12.77 5.03
CA TYR A 65 4.00 -12.67 6.47
C TYR A 65 2.82 -13.38 7.14
N ALA A 66 2.96 -13.63 8.44
CA ALA A 66 1.91 -14.29 9.18
C ALA A 66 0.73 -13.36 9.44
N THR A 67 0.96 -12.05 9.50
CA THR A 67 -0.09 -11.09 9.80
C THR A 67 0.06 -9.82 8.97
N VAL A 68 -1.05 -9.09 8.84
CA VAL A 68 -1.05 -7.80 8.15
C VAL A 68 -0.18 -6.78 8.89
N GLU A 69 -0.19 -6.80 10.23
CA GLU A 69 0.66 -5.86 10.96
C GLU A 69 2.13 -6.05 10.61
N GLU A 70 2.53 -7.29 10.31
CA GLU A 70 3.91 -7.53 9.91
C GLU A 70 4.18 -6.95 8.52
N VAL A 71 3.21 -7.04 7.60
CA VAL A 71 3.36 -6.37 6.31
C VAL A 71 3.58 -4.87 6.53
N ASP A 72 2.74 -4.28 7.39
CA ASP A 72 2.90 -2.86 7.70
C ASP A 72 4.29 -2.56 8.23
N ALA A 73 4.80 -3.41 9.12
CA ALA A 73 6.13 -3.16 9.69
C ALA A 73 7.19 -3.20 8.61
N ALA A 74 7.10 -4.17 7.69
CA ALA A 74 8.05 -4.23 6.60
C ALA A 74 7.95 -2.99 5.73
N MET A 75 6.73 -2.58 5.38
CA MET A 75 6.57 -1.39 4.54
C MET A 75 7.07 -0.13 5.25
N ASN A 76 6.87 -0.05 6.56
CA ASN A 76 7.32 1.13 7.29
C ASN A 76 8.84 1.18 7.42
N ALA A 77 9.53 0.07 7.18
CA ALA A 77 10.98 0.02 7.24
C ALA A 77 11.65 0.26 5.89
N ARG A 78 10.90 0.58 4.83
CA ARG A 78 11.52 1.01 3.59
C ARG A 78 12.34 2.27 3.84
N PRO A 79 13.37 2.52 3.02
CA PRO A 79 13.81 1.69 1.89
C PRO A 79 14.54 0.44 2.34
N HIS A 80 14.27 -0.67 1.65
CA HIS A 80 14.93 -1.94 1.92
C HIS A 80 16.08 -2.14 0.95
N LYS A 81 17.28 -2.36 1.49
CA LYS A 81 18.45 -2.72 0.71
C LYS A 81 18.71 -4.20 0.96
N VAL A 82 18.50 -5.01 -0.06
CA VAL A 82 18.58 -6.47 0.05
C VAL A 82 19.78 -6.90 -0.79
N ASP A 83 20.77 -7.52 -0.16
CA ASP A 83 21.95 -7.96 -0.88
C ASP A 83 22.56 -6.82 -1.70
N GLY A 84 22.56 -5.62 -1.12
CA GLY A 84 23.25 -4.49 -1.70
C GLY A 84 22.44 -3.64 -2.65
N ARG A 85 21.19 -3.99 -2.93
CA ARG A 85 20.38 -3.30 -3.91
C ARG A 85 19.08 -2.83 -3.24
N VAL A 86 18.70 -1.58 -3.49
CA VAL A 86 17.42 -1.08 -2.98
C VAL A 86 16.30 -1.70 -3.81
N VAL A 87 15.37 -2.38 -3.14
CA VAL A 87 14.31 -3.12 -3.81
C VAL A 87 13.00 -2.35 -3.71
N GLU A 88 11.95 -2.86 -4.35
CA GLU A 88 10.67 -2.17 -4.42
C GLU A 88 9.54 -3.09 -3.94
N PRO A 89 9.21 -3.03 -2.65
CA PRO A 89 8.11 -3.85 -2.12
C PRO A 89 6.78 -3.17 -2.37
N LYS A 90 5.78 -4.00 -2.72
CA LYS A 90 4.41 -3.51 -2.90
C LYS A 90 3.47 -4.61 -2.45
N ARG A 91 2.35 -4.20 -1.88
CA ARG A 91 1.30 -5.18 -1.52
C ARG A 91 0.72 -5.80 -2.80
N ALA A 92 0.37 -7.07 -2.72
CA ALA A 92 -0.25 -7.79 -3.85
C ALA A 92 -1.48 -7.08 -4.36
N VAL A 93 -1.87 -7.38 -5.58
CA VAL A 93 -3.03 -6.69 -6.22
C VAL A 93 -4.39 -7.06 -5.62
N SER A 94 -5.20 -5.90 -5.82
CA SER A 94 -6.61 -6.07 -5.37
C SER A 94 -7.54 -6.14 -6.60
N LEU A 105 -3.23 0.44 -10.67
CA LEU A 105 -1.83 0.79 -10.76
C LEU A 105 -1.28 1.29 -9.43
N THR A 106 -0.03 1.75 -9.44
CA THR A 106 0.64 2.26 -8.25
C THR A 106 0.51 3.78 -8.25
N VAL A 107 -0.38 4.31 -7.41
CA VAL A 107 -0.66 5.73 -7.39
C VAL A 107 -0.62 6.23 -5.95
N LYS A 108 -0.57 7.55 -5.82
CA LYS A 108 -0.47 8.22 -4.53
C LYS A 108 -1.73 9.01 -4.19
N LYS A 109 -2.77 8.92 -5.01
CA LYS A 109 -3.93 9.78 -4.85
C LYS A 109 -5.20 8.94 -4.81
N ILE A 110 -6.14 9.35 -3.96
CA ILE A 110 -7.43 8.68 -3.85
C ILE A 110 -8.56 9.67 -4.11
N PHE A 111 -9.63 9.14 -4.68
CA PHE A 111 -10.95 9.76 -4.69
C PHE A 111 -11.71 9.30 -3.44
N VAL A 112 -12.36 10.24 -2.77
CA VAL A 112 -13.18 9.98 -1.59
C VAL A 112 -14.56 10.54 -1.88
N GLY A 113 -15.54 9.65 -2.05
CA GLY A 113 -16.90 10.08 -2.34
C GLY A 113 -17.85 9.83 -1.21
N GLY A 114 -19.00 10.51 -1.23
CA GLY A 114 -20.03 10.31 -0.23
C GLY A 114 -19.87 11.16 1.00
N ILE A 115 -19.03 12.20 0.96
CA ILE A 115 -18.78 13.03 2.11
C ILE A 115 -19.79 14.15 2.27
N LYS A 116 -20.68 14.34 1.29
CA LYS A 116 -21.75 15.32 1.35
C LYS A 116 -21.22 16.73 1.54
N GLU A 117 -22.03 17.65 2.07
CA GLU A 117 -21.64 19.05 2.16
C GLU A 117 -21.06 19.46 3.51
N ASP A 118 -21.11 18.60 4.53
CA ASP A 118 -20.64 18.98 5.85
C ASP A 118 -19.23 18.49 6.17
N THR A 119 -18.57 17.81 5.25
CA THR A 119 -17.23 17.29 5.50
C THR A 119 -16.17 18.31 5.10
N GLU A 120 -15.24 18.57 6.01
CA GLU A 120 -14.22 19.60 5.86
C GLU A 120 -12.84 18.95 5.77
N GLU A 121 -11.86 19.80 5.49
CA GLU A 121 -10.48 19.34 5.34
C GLU A 121 -10.00 18.57 6.57
N HIS A 122 -10.28 19.10 7.77
CA HIS A 122 -9.76 18.48 8.98
C HIS A 122 -10.36 17.10 9.21
N HIS A 123 -11.61 16.88 8.79
CA HIS A 123 -12.19 15.54 8.88
C HIS A 123 -11.38 14.54 8.07
N LEU A 124 -11.07 14.91 6.83
CA LEU A 124 -10.31 14.01 5.97
C LEU A 124 -8.88 13.84 6.46
N ARG A 125 -8.26 14.95 6.89
CA ARG A 125 -6.91 14.88 7.43
C ARG A 125 -6.81 13.96 8.64
N ASP A 126 -7.70 14.18 9.62
CA ASP A 126 -7.60 13.44 10.87
C ASP A 126 -7.74 11.95 10.64
N TYR A 127 -8.57 11.56 9.67
CA TYR A 127 -8.76 10.15 9.37
C TYR A 127 -7.61 9.60 8.52
N PHE A 128 -7.32 10.24 7.39
CA PHE A 128 -6.39 9.64 6.45
C PHE A 128 -4.93 9.78 6.86
N GLU A 129 -4.59 10.70 7.76
CA GLU A 129 -3.20 10.84 8.16
C GLU A 129 -2.65 9.60 8.83
N GLN A 130 -3.51 8.72 9.33
CA GLN A 130 -3.05 7.47 9.92
C GLN A 130 -2.76 6.39 8.90
N TYR A 131 -3.04 6.65 7.62
CA TYR A 131 -2.63 5.75 6.55
C TYR A 131 -1.32 6.17 5.91
N GLY A 132 -0.97 7.44 6.00
CA GLY A 132 0.27 7.90 5.42
C GLY A 132 0.34 9.41 5.49
N LYS A 133 1.46 9.94 5.02
CA LYS A 133 1.71 11.37 5.10
C LYS A 133 0.97 12.06 3.97
N ILE A 134 0.08 12.99 4.32
CA ILE A 134 -0.75 13.70 3.34
C ILE A 134 0.00 14.90 2.79
N GLU A 135 -0.03 15.05 1.47
CA GLU A 135 0.49 16.25 0.82
C GLU A 135 -0.56 17.20 0.31
N VAL A 136 -1.71 16.71 -0.15
CA VAL A 136 -2.76 17.56 -0.71
C VAL A 136 -4.10 17.01 -0.29
N ILE A 137 -5.00 17.88 0.16
CA ILE A 137 -6.42 17.56 0.29
C ILE A 137 -7.19 18.55 -0.55
N GLU A 138 -8.01 18.04 -1.46
CA GLU A 138 -8.79 18.90 -2.35
C GLU A 138 -10.25 18.53 -2.19
N ILE A 139 -11.01 19.36 -1.48
CA ILE A 139 -12.44 19.20 -1.35
C ILE A 139 -13.12 19.87 -2.55
N MET A 140 -13.88 19.09 -3.30
CA MET A 140 -14.40 19.59 -4.59
C MET A 140 -15.61 20.46 -4.40
N THR A 141 -15.62 21.58 -5.10
CA THR A 141 -16.71 22.54 -5.06
C THR A 141 -17.20 22.80 -6.47
N ASP A 142 -18.44 23.25 -6.57
CA ASP A 142 -19.05 23.48 -7.87
C ASP A 142 -18.43 24.71 -8.53
N ARG A 143 -18.10 24.55 -9.81
CA ARG A 143 -17.41 25.61 -10.56
C ARG A 143 -18.26 26.87 -10.67
N GLY A 144 -19.59 26.71 -10.65
CA GLY A 144 -20.49 27.85 -10.80
C GLY A 144 -20.88 28.49 -9.49
N SER A 145 -21.24 27.68 -8.49
CA SER A 145 -21.84 28.16 -7.25
C SER A 145 -20.89 28.14 -6.06
N GLY A 146 -19.80 27.38 -6.13
CA GLY A 146 -18.94 27.23 -4.99
C GLY A 146 -19.40 26.25 -3.93
N LYS A 147 -20.59 25.65 -4.10
CA LYS A 147 -21.06 24.68 -3.12
C LYS A 147 -20.25 23.39 -3.18
N LYS A 148 -20.10 22.76 -2.03
CA LYS A 148 -19.40 21.49 -1.98
C LYS A 148 -20.17 20.42 -2.73
N ARG A 149 -19.44 19.63 -3.50
CA ARG A 149 -20.05 18.62 -4.35
C ARG A 149 -20.13 17.25 -3.70
N GLY A 150 -19.53 17.06 -2.54
CA GLY A 150 -19.64 15.79 -1.85
C GLY A 150 -18.55 14.79 -2.18
N PHE A 151 -17.42 15.23 -2.73
CA PHE A 151 -16.28 14.34 -2.88
C PHE A 151 -14.99 15.14 -2.78
N ALA A 152 -13.89 14.41 -2.65
CA ALA A 152 -12.59 15.03 -2.42
C ALA A 152 -11.52 14.13 -3.00
N PHE A 153 -10.32 14.70 -3.13
CA PHE A 153 -9.13 13.93 -3.47
C PHE A 153 -8.09 14.15 -2.38
N VAL A 154 -7.39 13.08 -2.03
CA VAL A 154 -6.31 13.14 -1.07
C VAL A 154 -5.07 12.57 -1.73
N THR A 155 -3.96 13.30 -1.67
CA THR A 155 -2.69 12.90 -2.24
C THR A 155 -1.72 12.65 -1.10
N PHE A 156 -1.07 11.48 -1.12
CA PHE A 156 -0.10 11.09 -0.12
C PHE A 156 1.31 11.17 -0.71
N ASP A 157 2.29 11.05 0.17
CA ASP A 157 3.66 11.06 -0.30
C ASP A 157 4.15 9.72 -0.84
N ASP A 158 3.32 8.68 -0.81
CA ASP A 158 3.79 7.34 -1.13
C ASP A 158 2.57 6.45 -1.37
N HIS A 159 2.77 5.46 -2.23
CA HIS A 159 1.68 4.62 -2.69
C HIS A 159 1.15 3.64 -1.64
N ASP A 160 1.95 3.27 -0.63
CA ASP A 160 1.47 2.25 0.29
C ASP A 160 0.25 2.70 1.07
N SER A 161 0.17 4.00 1.37
N SER A 161 0.18 4.00 1.38
CA SER A 161 -1.00 4.57 2.00
CA SER A 161 -1.02 4.55 2.03
C SER A 161 -2.25 4.22 1.20
C SER A 161 -2.26 4.23 1.21
N VAL A 162 -2.22 4.50 -0.10
CA VAL A 162 -3.35 4.21 -0.97
C VAL A 162 -3.64 2.72 -1.03
N ASP A 163 -2.59 1.89 -1.09
CA ASP A 163 -2.80 0.45 -1.16
C ASP A 163 -3.51 -0.07 0.08
N LYS A 164 -3.12 0.41 1.26
CA LYS A 164 -3.83 0.04 2.49
C LYS A 164 -5.28 0.51 2.47
N ILE A 165 -5.50 1.73 1.98
CA ILE A 165 -6.82 2.31 2.02
C ILE A 165 -7.80 1.53 1.17
N VAL A 166 -7.39 1.19 -0.06
CA VAL A 166 -8.37 0.65 -1.01
C VAL A 166 -8.72 -0.80 -0.75
N ILE A 167 -7.98 -1.50 0.10
CA ILE A 167 -8.35 -2.88 0.42
C ILE A 167 -9.30 -2.98 1.59
N GLN A 168 -9.53 -1.89 2.33
CA GLN A 168 -10.53 -1.92 3.39
C GLN A 168 -11.93 -2.00 2.79
N LYS A 169 -12.80 -2.78 3.45
CA LYS A 169 -14.20 -2.83 3.04
C LYS A 169 -14.93 -1.53 3.30
N TYR A 170 -14.56 -0.79 4.36
CA TYR A 170 -15.34 0.35 4.83
C TYR A 170 -14.42 1.51 5.16
N HIS A 171 -14.92 2.72 4.89
CA HIS A 171 -14.31 3.95 5.38
C HIS A 171 -15.39 4.86 5.91
N THR A 172 -15.29 5.24 7.19
CA THR A 172 -16.23 6.10 7.86
C THR A 172 -15.53 7.40 8.22
N VAL A 173 -16.01 8.50 7.67
CA VAL A 173 -15.43 9.82 7.89
C VAL A 173 -16.57 10.79 8.13
N ASN A 174 -16.55 11.47 9.28
CA ASN A 174 -17.57 12.47 9.60
C ASN A 174 -18.97 11.86 9.56
N GLY A 175 -19.09 10.63 10.06
CA GLY A 175 -20.35 9.92 10.08
C GLY A 175 -20.83 9.39 8.75
N HIS A 176 -20.07 9.57 7.68
CA HIS A 176 -20.46 9.10 6.36
C HIS A 176 -19.72 7.82 6.01
N ASN A 177 -20.45 6.86 5.42
CA ASN A 177 -19.82 5.71 4.78
C ASN A 177 -19.36 6.13 3.40
N CYS A 178 -18.05 6.14 3.19
CA CYS A 178 -17.43 6.72 2.01
C CYS A 178 -17.05 5.65 0.99
N GLU A 179 -17.07 6.05 -0.28
CA GLU A 179 -16.52 5.25 -1.37
C GLU A 179 -15.13 5.80 -1.65
N VAL A 180 -14.11 4.95 -1.59
CA VAL A 180 -12.74 5.38 -1.80
C VAL A 180 -12.14 4.52 -2.91
N ARG A 181 -11.52 5.19 -3.89
CA ARG A 181 -10.84 4.47 -4.96
C ARG A 181 -9.57 5.19 -5.37
N LYS A 182 -8.71 4.47 -6.07
CA LYS A 182 -7.52 5.09 -6.63
C LYS A 182 -7.91 6.14 -7.66
N ALA A 183 -7.18 7.25 -7.68
CA ALA A 183 -7.41 8.35 -8.63
C ALA A 183 -6.20 8.53 -9.53
N LEU A 184 -6.47 8.63 -10.84
CA LEU A 184 -5.48 8.75 -11.93
C LEU A 184 -4.10 8.14 -11.67
#